data_5ORG
#
_entry.id   5ORG
#
_cell.length_a   99.490
_cell.length_b   99.490
_cell.length_c   157.600
_cell.angle_alpha   90.00
_cell.angle_beta   90.00
_cell.angle_gamma   90.00
#
_symmetry.space_group_name_H-M   'P 43 21 2'
#
loop_
_entity.id
_entity.type
_entity.pdbx_description
1 polymer 'Octopine-binding periplasmic protein'
2 non-polymer 1,2-ETHANEDIOL
3 non-polymer 'SODIUM ION'
4 non-polymer 'CHLORIDE ION'
5 non-polymer GLYCEROL
6 non-polymer octopine
7 non-polymer 'ACETATE ION'
8 water water
#
_entity_poly.entity_id   1
_entity_poly.type   'polypeptide(L)'
_entity_poly.pdbx_seq_one_letter_code
;MQEKSITIATEGGYAPWNFSGPGGKLDGFEIDLANALCEKMKAKCQIVAQNWDGIMPSLTGKKYDAIMAAMSVTPKRQEV
IGFSIPYAAGINGFAVMGDSKLAEMPGLGETYSLDSQADAAKKAIADISSFLNGTTVGVQGSTTASTFLDKYFKGSVDIK
EYKSVEEHNLDLTSGRLDAVLANATVLAAAIEKPEMKGAKLVGPLFSGGEFGVVAVGLRKEDTALKADFDAAIKAASEDG
TIKTLSLKWFKVDVTPQHHHHHH
;
_entity_poly.pdbx_strand_id   A,B
#
# COMPACT_ATOMS: atom_id res chain seq x y z
N MET A 1 31.15 24.78 -9.94
CA MET A 1 31.27 23.52 -10.67
C MET A 1 30.18 22.54 -10.22
N GLN A 2 30.38 21.88 -9.05
CA GLN A 2 29.44 20.93 -8.48
C GLN A 2 28.16 21.62 -8.02
N GLU A 3 27.04 20.91 -8.17
CA GLU A 3 25.71 21.38 -7.83
C GLU A 3 25.48 21.43 -6.32
N LYS A 4 24.59 22.33 -5.87
CA LYS A 4 24.19 22.37 -4.47
C LYS A 4 23.30 21.12 -4.20
N SER A 5 22.98 20.82 -2.95
CA SER A 5 22.23 19.61 -2.66
C SER A 5 21.07 19.90 -1.73
N ILE A 6 19.87 19.38 -2.05
CA ILE A 6 18.66 19.61 -1.24
C ILE A 6 18.11 18.26 -0.85
N THR A 7 17.68 18.14 0.41
CA THR A 7 16.99 16.96 0.88
C THR A 7 15.51 17.33 1.02
N ILE A 8 14.67 16.61 0.28
CA ILE A 8 13.23 16.82 0.24
C ILE A 8 12.50 15.65 0.91
N ALA A 9 11.69 15.96 1.92
CA ALA A 9 10.89 14.94 2.58
C ALA A 9 9.50 14.86 1.97
N THR A 10 9.02 13.64 1.84
CA THR A 10 7.67 13.31 1.42
C THR A 10 7.16 12.27 2.41
N GLU A 11 5.86 11.98 2.41
CA GLU A 11 5.31 11.00 3.32
C GLU A 11 5.42 9.57 2.77
N GLY A 12 4.99 9.41 1.53
CA GLY A 12 4.93 8.10 0.88
C GLY A 12 3.62 7.38 1.14
N GLY A 13 2.62 8.05 1.69
CA GLY A 13 1.34 7.40 1.99
C GLY A 13 0.14 8.13 1.40
N TYR A 14 0.32 8.69 0.19
CA TYR A 14 -0.66 9.59 -0.39
C TYR A 14 -0.65 9.54 -1.91
N ALA A 15 -0.77 8.35 -2.47
CA ALA A 15 -0.78 8.12 -3.92
C ALA A 15 -1.99 8.84 -4.54
N PRO A 16 -1.84 9.45 -5.73
CA PRO A 16 -0.68 9.47 -6.62
C PRO A 16 0.31 10.63 -6.39
N TRP A 17 0.13 11.46 -5.34
CA TRP A 17 1.02 12.59 -5.01
C TRP A 17 2.42 12.07 -4.61
N ASN A 18 2.44 11.12 -3.66
CA ASN A 18 3.65 10.52 -3.13
C ASN A 18 3.30 9.18 -2.53
N PHE A 19 4.05 8.17 -2.92
CA PHE A 19 3.83 6.79 -2.47
C PHE A 19 5.11 6.03 -2.76
N SER A 20 5.12 4.74 -2.53
CA SER A 20 6.33 4.00 -2.87
C SER A 20 5.99 2.77 -3.72
N GLY A 21 6.99 2.29 -4.45
CA GLY A 21 6.90 1.06 -5.22
C GLY A 21 6.88 -0.14 -4.27
N PRO A 22 6.79 -1.40 -4.77
CA PRO A 22 6.75 -2.56 -3.84
C PRO A 22 7.95 -2.64 -2.87
N GLY A 23 9.14 -2.26 -3.36
CA GLY A 23 10.40 -2.23 -2.62
C GLY A 23 10.80 -0.88 -2.05
N GLY A 24 9.80 -0.05 -1.78
CA GLY A 24 9.96 1.24 -1.12
C GLY A 24 10.50 2.42 -1.87
N LYS A 25 10.74 2.31 -3.19
CA LYS A 25 11.24 3.48 -3.95
C LYS A 25 10.14 4.55 -4.04
N LEU A 26 10.40 5.75 -3.52
CA LEU A 26 9.41 6.85 -3.56
C LEU A 26 9.07 7.26 -5.00
N ASP A 27 7.78 7.36 -5.29
CA ASP A 27 7.27 7.72 -6.61
C ASP A 27 6.04 8.62 -6.50
N GLY A 28 5.63 9.17 -7.64
CA GLY A 28 4.44 10.00 -7.72
C GLY A 28 4.67 11.37 -8.30
N PHE A 29 3.58 12.15 -8.36
CA PHE A 29 3.57 13.52 -8.89
C PHE A 29 4.64 14.40 -8.23
N GLU A 30 4.76 14.32 -6.89
CA GLU A 30 5.70 15.15 -6.15
C GLU A 30 7.15 14.73 -6.28
N ILE A 31 7.41 13.45 -6.58
CA ILE A 31 8.76 12.92 -6.80
C ILE A 31 9.23 13.42 -8.17
N ASP A 32 8.37 13.29 -9.20
CA ASP A 32 8.64 13.78 -10.55
C ASP A 32 8.79 15.30 -10.52
N LEU A 33 7.90 15.99 -9.79
CA LEU A 33 8.00 17.44 -9.64
C LEU A 33 9.27 17.86 -8.90
N ALA A 34 9.61 17.18 -7.77
CA ALA A 34 10.83 17.48 -6.99
C ALA A 34 12.08 17.42 -7.88
N ASN A 35 12.21 16.35 -8.66
CA ASN A 35 13.33 16.13 -9.58
C ASN A 35 13.38 17.19 -10.70
N ALA A 36 12.21 17.55 -11.27
CA ALA A 36 12.09 18.57 -12.33
C ALA A 36 12.48 19.95 -11.78
N LEU A 37 12.06 20.27 -10.52
CA LEU A 37 12.39 21.54 -9.86
C LEU A 37 13.87 21.62 -9.51
N CYS A 38 14.46 20.52 -9.02
CA CYS A 38 15.88 20.45 -8.69
C CYS A 38 16.77 20.58 -9.93
N GLU A 39 16.30 20.07 -11.09
CA GLU A 39 17.02 20.19 -12.37
C GLU A 39 17.07 21.67 -12.76
N LYS A 40 15.92 22.38 -12.60
CA LYS A 40 15.83 23.82 -12.87
C LYS A 40 16.72 24.61 -11.92
N MET A 41 16.74 24.22 -10.64
CA MET A 41 17.55 24.84 -9.59
C MET A 41 19.05 24.47 -9.72
N LYS A 42 19.38 23.50 -10.62
CA LYS A 42 20.73 22.94 -10.81
C LYS A 42 21.25 22.40 -9.46
N ALA A 43 20.41 21.59 -8.78
CA ALA A 43 20.73 21.02 -7.48
C ALA A 43 20.49 19.52 -7.45
N LYS A 44 21.31 18.80 -6.68
CA LYS A 44 21.18 17.38 -6.47
C LYS A 44 20.00 17.18 -5.52
N CYS A 45 19.08 16.31 -5.93
CA CYS A 45 17.81 16.00 -5.30
C CYS A 45 17.89 14.69 -4.52
N GLN A 46 17.76 14.76 -3.19
CA GLN A 46 17.65 13.56 -2.36
C GLN A 46 16.23 13.56 -1.76
N ILE A 47 15.41 12.57 -2.12
CA ILE A 47 14.04 12.46 -1.63
C ILE A 47 13.97 11.41 -0.54
N VAL A 48 13.51 11.81 0.65
CA VAL A 48 13.38 10.96 1.84
C VAL A 48 11.93 10.85 2.26
N ALA A 49 11.63 9.79 3.04
CA ALA A 49 10.31 9.54 3.57
C ALA A 49 10.26 9.95 5.03
N GLN A 50 9.17 10.60 5.42
CA GLN A 50 8.95 11.05 6.78
C GLN A 50 7.45 10.95 7.05
N ASN A 51 7.05 10.32 8.18
CA ASN A 51 5.63 10.23 8.49
C ASN A 51 5.03 11.62 8.67
N TRP A 52 3.74 11.76 8.35
CA TRP A 52 3.02 13.04 8.44
C TRP A 52 3.10 13.69 9.82
N ASP A 53 2.90 12.92 10.90
CA ASP A 53 2.94 13.47 12.27
C ASP A 53 4.23 14.22 12.61
N GLY A 54 5.36 13.64 12.24
CA GLY A 54 6.64 14.30 12.53
C GLY A 54 7.23 15.12 11.40
N ILE A 55 6.47 15.38 10.31
CA ILE A 55 7.04 16.04 9.13
C ILE A 55 7.48 17.53 9.38
N MET A 56 6.72 18.30 10.18
CA MET A 56 7.10 19.68 10.46
C MET A 56 8.22 19.76 11.52
N PRO A 57 8.16 19.03 12.68
CA PRO A 57 9.29 19.10 13.65
C PRO A 57 10.60 18.61 13.07
N SER A 58 10.57 17.67 12.11
CA SER A 58 11.82 17.21 11.48
C SER A 58 12.36 18.21 10.48
N LEU A 59 11.47 19.04 9.89
CA LEU A 59 11.91 20.13 9.01
C LEU A 59 12.60 21.23 9.85
N THR A 60 11.93 21.71 10.93
CA THR A 60 12.50 22.74 11.83
C THR A 60 13.73 22.18 12.53
N GLY A 61 13.73 20.87 12.81
CA GLY A 61 14.85 20.16 13.41
C GLY A 61 16.01 19.93 12.46
N LYS A 62 15.87 20.35 11.19
CA LYS A 62 16.87 20.28 10.10
C LYS A 62 17.29 18.87 9.68
N LYS A 63 16.38 17.89 9.78
CA LYS A 63 16.62 16.51 9.33
C LYS A 63 16.68 16.53 7.79
N TYR A 64 16.00 17.50 7.19
CA TYR A 64 15.93 17.73 5.74
C TYR A 64 15.59 19.22 5.53
N ASP A 65 15.56 19.66 4.28
CA ASP A 65 15.43 21.05 3.93
C ASP A 65 14.06 21.51 3.46
N ALA A 66 13.26 20.57 2.94
CA ALA A 66 11.97 20.90 2.37
C ALA A 66 10.97 19.77 2.49
N ILE A 67 9.67 20.13 2.40
CA ILE A 67 8.55 19.19 2.43
C ILE A 67 7.80 19.30 1.11
N MET A 68 7.68 18.16 0.41
CA MET A 68 6.80 18.07 -0.75
C MET A 68 5.94 16.85 -0.46
N ALA A 69 4.88 17.05 0.34
CA ALA A 69 4.00 15.95 0.76
C ALA A 69 2.52 16.34 0.69
N ALA A 70 2.17 17.13 -0.37
CA ALA A 70 0.84 17.64 -0.67
C ALA A 70 0.35 18.51 0.49
N MET A 71 1.29 19.31 1.04
CA MET A 71 0.98 20.18 2.16
C MET A 71 0.36 21.49 1.71
N SER A 72 -0.85 21.75 2.20
CA SER A 72 -1.54 23.00 1.94
C SER A 72 -0.96 24.12 2.79
N VAL A 73 -0.95 25.32 2.24
CA VAL A 73 -0.55 26.55 2.93
C VAL A 73 -1.78 26.92 3.79
N THR A 74 -1.61 27.05 5.10
CA THR A 74 -2.69 27.48 5.99
C THR A 74 -2.13 28.59 6.90
N PRO A 75 -2.96 29.56 7.39
CA PRO A 75 -2.40 30.60 8.27
C PRO A 75 -1.70 30.04 9.51
N LYS A 76 -2.22 28.95 10.08
CA LYS A 76 -1.63 28.28 11.26
C LYS A 76 -0.24 27.70 10.93
N ARG A 77 -0.08 27.07 9.76
CA ARG A 77 1.22 26.52 9.34
C ARG A 77 2.22 27.63 9.00
N GLN A 78 1.73 28.76 8.47
CA GLN A 78 2.55 29.94 8.12
C GLN A 78 3.15 30.60 9.35
N GLU A 79 2.55 30.37 10.54
CA GLU A 79 3.10 30.89 11.80
C GLU A 79 4.40 30.13 12.20
N VAL A 80 4.54 28.88 11.77
CA VAL A 80 5.65 28.02 12.19
C VAL A 80 6.64 27.69 11.08
N ILE A 81 6.18 27.59 9.82
CA ILE A 81 7.07 27.32 8.68
C ILE A 81 6.82 28.30 7.53
N GLY A 82 7.71 28.26 6.56
CA GLY A 82 7.61 29.05 5.35
C GLY A 82 7.11 28.19 4.22
N PHE A 83 6.76 28.83 3.11
CA PHE A 83 6.28 28.09 1.95
C PHE A 83 6.78 28.74 0.69
N SER A 84 6.96 27.93 -0.34
CA SER A 84 7.28 28.41 -1.68
C SER A 84 5.96 28.94 -2.27
N ILE A 85 6.00 29.49 -3.50
CA ILE A 85 4.78 29.83 -4.22
C ILE A 85 4.04 28.48 -4.49
N PRO A 86 2.69 28.44 -4.59
CA PRO A 86 2.04 27.13 -4.77
C PRO A 86 2.26 26.41 -6.10
N TYR A 87 2.15 25.08 -6.10
CA TYR A 87 2.29 24.28 -7.33
C TYR A 87 1.03 23.46 -7.64
N ALA A 88 0.11 23.38 -6.67
CA ALA A 88 -1.12 22.61 -6.79
C ALA A 88 -2.20 23.13 -5.84
N ALA A 89 -3.41 22.55 -5.95
CA ALA A 89 -4.57 22.91 -5.15
C ALA A 89 -5.30 21.61 -4.77
N GLY A 90 -5.82 21.56 -3.55
CA GLY A 90 -6.53 20.37 -3.08
C GLY A 90 -8.03 20.39 -3.29
N ILE A 91 -8.57 19.25 -3.78
CA ILE A 91 -10.01 19.02 -3.95
C ILE A 91 -10.37 17.83 -3.06
N ASN A 92 -11.31 18.01 -2.13
CA ASN A 92 -11.67 17.01 -1.15
C ASN A 92 -13.11 16.55 -1.23
N GLY A 93 -13.31 15.30 -0.86
CA GLY A 93 -14.62 14.68 -0.81
C GLY A 93 -14.66 13.49 0.13
N PHE A 94 -15.88 13.01 0.36
CA PHE A 94 -16.14 11.85 1.20
C PHE A 94 -16.13 10.57 0.40
N ALA A 95 -15.76 9.48 1.06
CA ALA A 95 -15.86 8.15 0.47
C ALA A 95 -16.55 7.28 1.50
N VAL A 96 -17.36 6.36 1.03
CA VAL A 96 -18.13 5.40 1.84
C VAL A 96 -18.10 4.09 1.08
N MET A 97 -18.64 3.02 1.68
CA MET A 97 -18.85 1.78 0.94
C MET A 97 -20.05 2.04 0.06
N GLY A 98 -19.93 1.79 -1.25
CA GLY A 98 -21.03 2.04 -2.19
C GLY A 98 -22.38 1.46 -1.79
N ASP A 99 -22.35 0.28 -1.10
CA ASP A 99 -23.56 -0.42 -0.62
C ASP A 99 -24.19 0.27 0.61
N SER A 100 -23.50 1.25 1.20
CA SER A 100 -24.06 2.03 2.34
C SER A 100 -25.17 3.00 1.86
N LYS A 101 -26.24 3.22 2.67
CA LYS A 101 -27.27 4.23 2.35
C LYS A 101 -26.59 5.63 2.21
N LEU A 102 -25.41 5.77 2.80
CA LEU A 102 -24.60 6.98 2.77
C LEU A 102 -24.11 7.34 1.38
N ALA A 103 -24.07 6.39 0.44
CA ALA A 103 -23.65 6.59 -0.95
C ALA A 103 -24.61 7.47 -1.75
N GLU A 104 -25.84 7.66 -1.23
CA GLU A 104 -26.87 8.50 -1.85
C GLU A 104 -26.78 9.97 -1.37
N MET A 105 -25.69 10.33 -0.65
CA MET A 105 -25.38 11.69 -0.15
C MET A 105 -25.64 12.75 -1.22
N PRO A 106 -26.35 13.87 -0.91
CA PRO A 106 -26.49 14.94 -1.96
C PRO A 106 -25.09 15.60 -2.17
N GLY A 107 -24.53 15.76 -3.37
CA GLY A 107 -24.98 15.45 -4.71
C GLY A 107 -23.72 15.18 -5.54
N LEU A 108 -23.53 13.89 -5.89
CA LEU A 108 -22.41 13.36 -6.67
C LEU A 108 -22.33 14.01 -8.07
N GLY A 109 -21.12 14.37 -8.48
CA GLY A 109 -20.83 15.01 -9.76
C GLY A 109 -20.69 16.52 -9.71
N GLU A 110 -20.92 17.13 -8.52
CA GLU A 110 -20.84 18.57 -8.26
C GLU A 110 -19.50 18.95 -7.55
N THR A 111 -19.06 20.23 -7.69
CA THR A 111 -17.84 20.82 -7.07
C THR A 111 -18.17 22.22 -6.53
N TYR A 112 -17.69 22.53 -5.31
CA TYR A 112 -17.92 23.83 -4.67
C TYR A 112 -16.63 24.46 -4.22
N SER A 113 -16.41 25.72 -4.62
CA SER A 113 -15.26 26.48 -4.16
C SER A 113 -15.70 27.17 -2.88
N LEU A 114 -14.97 26.94 -1.77
CA LEU A 114 -15.27 27.60 -0.51
C LEU A 114 -14.94 29.11 -0.54
N ASP A 115 -14.14 29.54 -1.54
CA ASP A 115 -13.74 30.95 -1.74
C ASP A 115 -14.74 31.74 -2.59
N SER A 116 -15.04 31.25 -3.82
CA SER A 116 -15.93 31.94 -4.77
C SER A 116 -17.41 31.50 -4.73
N GLN A 117 -17.71 30.28 -4.26
CA GLN A 117 -19.09 29.75 -4.20
C GLN A 117 -19.47 29.43 -2.74
N ALA A 118 -19.02 30.29 -1.80
CA ALA A 118 -19.21 30.18 -0.36
C ALA A 118 -20.63 29.86 0.06
N ASP A 119 -21.60 30.59 -0.52
CA ASP A 119 -23.05 30.50 -0.31
C ASP A 119 -23.60 29.10 -0.61
N ALA A 120 -23.33 28.60 -1.84
CA ALA A 120 -23.74 27.28 -2.32
C ALA A 120 -22.99 26.14 -1.59
N ALA A 121 -21.72 26.37 -1.18
CA ALA A 121 -20.91 25.40 -0.44
C ALA A 121 -21.45 25.20 0.97
N LYS A 122 -21.75 26.31 1.70
CA LYS A 122 -22.29 26.23 3.07
C LYS A 122 -23.66 25.58 3.13
N LYS A 123 -24.46 25.76 2.05
CA LYS A 123 -25.78 25.16 1.88
C LYS A 123 -25.61 23.65 1.68
N ALA A 124 -24.65 23.24 0.84
CA ALA A 124 -24.34 21.83 0.57
C ALA A 124 -23.79 21.16 1.83
N ILE A 125 -22.88 21.85 2.57
CA ILE A 125 -22.29 21.36 3.83
C ILE A 125 -23.42 21.07 4.87
N ALA A 126 -24.35 22.05 5.04
CA ALA A 126 -25.52 21.97 5.93
C ALA A 126 -26.36 20.73 5.66
N ASP A 127 -26.51 20.35 4.36
CA ASP A 127 -27.24 19.18 3.89
C ASP A 127 -26.48 17.87 4.23
N ILE A 128 -25.15 17.81 3.93
CA ILE A 128 -24.28 16.65 4.20
C ILE A 128 -24.20 16.38 5.70
N SER A 129 -24.02 17.45 6.51
CA SER A 129 -23.92 17.37 7.97
C SER A 129 -25.16 16.71 8.56
N SER A 130 -26.35 17.13 8.12
CA SER A 130 -27.62 16.56 8.55
C SER A 130 -27.74 15.10 8.07
N PHE A 131 -27.28 14.83 6.85
CA PHE A 131 -27.30 13.49 6.24
C PHE A 131 -26.36 12.50 6.98
N LEU A 132 -25.22 12.99 7.49
CA LEU A 132 -24.20 12.20 8.19
C LEU A 132 -24.42 12.15 9.71
N ASN A 133 -25.55 12.66 10.19
CA ASN A 133 -25.87 12.68 11.62
C ASN A 133 -25.72 11.31 12.28
N GLY A 134 -24.92 11.27 13.34
CA GLY A 134 -24.69 10.07 14.13
C GLY A 134 -23.70 9.07 13.58
N THR A 135 -23.07 9.38 12.45
CA THR A 135 -22.11 8.48 11.82
C THR A 135 -20.71 8.72 12.35
N THR A 136 -19.80 7.80 12.07
CA THR A 136 -18.39 7.89 12.44
C THR A 136 -17.60 8.15 11.16
N VAL A 137 -16.92 9.31 11.12
CA VAL A 137 -16.12 9.74 9.97
C VAL A 137 -14.62 9.71 10.34
N GLY A 138 -13.85 8.99 9.53
CA GLY A 138 -12.41 8.89 9.66
C GLY A 138 -11.72 9.97 8.86
N VAL A 139 -10.63 10.46 9.38
CA VAL A 139 -9.86 11.52 8.73
C VAL A 139 -8.40 11.42 9.18
N GLN A 140 -7.48 11.90 8.34
CA GLN A 140 -6.09 11.95 8.77
C GLN A 140 -5.94 13.16 9.69
N GLY A 141 -5.41 12.93 10.91
CA GLY A 141 -5.19 14.01 11.88
C GLY A 141 -4.22 15.05 11.37
N SER A 142 -4.41 16.31 11.80
CA SER A 142 -3.57 17.47 11.42
C SER A 142 -3.53 17.71 9.91
N THR A 143 -4.72 17.72 9.30
CA THR A 143 -4.85 17.98 7.86
C THR A 143 -5.93 19.03 7.67
N THR A 144 -6.03 19.56 6.43
CA THR A 144 -7.09 20.48 6.03
C THR A 144 -8.44 19.76 6.14
N ALA A 145 -8.46 18.43 5.90
CA ALA A 145 -9.68 17.61 6.04
C ALA A 145 -10.12 17.55 7.50
N SER A 146 -9.18 17.34 8.46
CA SER A 146 -9.56 17.34 9.88
C SER A 146 -10.02 18.70 10.32
N THR A 147 -9.41 19.77 9.78
CA THR A 147 -9.82 21.14 10.09
C THR A 147 -11.24 21.39 9.56
N PHE A 148 -11.51 20.99 8.30
CA PHE A 148 -12.83 21.12 7.66
C PHE A 148 -13.91 20.36 8.46
N LEU A 149 -13.60 19.11 8.93
CA LEU A 149 -14.53 18.32 9.74
C LEU A 149 -14.82 18.94 11.09
N ASP A 150 -13.77 19.45 11.77
CA ASP A 150 -13.88 20.13 13.06
C ASP A 150 -14.74 21.40 12.93
N LYS A 151 -14.60 22.14 11.83
CA LYS A 151 -15.35 23.38 11.60
C LYS A 151 -16.84 23.17 11.29
N TYR A 152 -17.18 22.20 10.42
CA TYR A 152 -18.56 22.04 9.96
C TYR A 152 -19.33 20.82 10.44
N PHE A 153 -18.64 19.77 10.91
CA PHE A 153 -19.30 18.51 11.27
C PHE A 153 -19.17 18.07 12.74
N LYS A 154 -18.37 18.79 13.55
CA LYS A 154 -18.19 18.50 14.97
C LYS A 154 -19.57 18.63 15.62
N GLY A 155 -19.95 17.67 16.41
CA GLY A 155 -21.25 17.72 17.06
C GLY A 155 -22.39 17.08 16.26
N SER A 156 -22.14 16.81 14.97
CA SER A 156 -23.07 16.14 14.07
C SER A 156 -22.54 14.71 13.81
N VAL A 157 -21.20 14.57 13.66
CA VAL A 157 -20.56 13.27 13.42
C VAL A 157 -19.55 12.97 14.53
N ASP A 158 -19.20 11.69 14.71
CA ASP A 158 -18.14 11.24 15.59
C ASP A 158 -16.89 11.23 14.70
N ILE A 159 -15.97 12.16 14.94
CA ILE A 159 -14.73 12.27 14.17
C ILE A 159 -13.66 11.36 14.75
N LYS A 160 -13.09 10.47 13.92
CA LYS A 160 -11.99 9.58 14.32
C LYS A 160 -10.77 9.97 13.51
N GLU A 161 -9.70 10.34 14.20
CA GLU A 161 -8.46 10.79 13.58
C GLU A 161 -7.44 9.69 13.47
N TYR A 162 -6.74 9.64 12.35
CA TYR A 162 -5.76 8.59 12.04
C TYR A 162 -4.46 9.21 11.61
N LYS A 163 -3.36 8.50 11.82
CA LYS A 163 -2.04 8.99 11.44
C LYS A 163 -1.82 8.99 9.95
N SER A 164 -2.46 8.07 9.22
CA SER A 164 -2.34 7.97 7.76
C SER A 164 -3.68 7.68 7.08
N VAL A 165 -3.74 7.95 5.78
CA VAL A 165 -4.88 7.71 4.90
C VAL A 165 -5.15 6.21 4.85
N GLU A 166 -4.07 5.40 4.68
CA GLU A 166 -4.16 3.94 4.60
C GLU A 166 -4.91 3.36 5.81
N GLU A 167 -4.61 3.90 7.01
CA GLU A 167 -5.24 3.46 8.27
C GLU A 167 -6.73 3.74 8.29
N HIS A 168 -7.17 4.96 7.90
CA HIS A 168 -8.61 5.20 7.90
C HIS A 168 -9.31 4.42 6.78
N ASN A 169 -8.63 4.23 5.62
CA ASN A 169 -9.22 3.44 4.53
C ASN A 169 -9.47 1.99 4.90
N LEU A 170 -8.59 1.39 5.70
CA LEU A 170 -8.77 0.01 6.16
C LEU A 170 -9.94 -0.09 7.15
N ASP A 171 -10.14 0.94 7.96
CA ASP A 171 -11.26 1.00 8.91
C ASP A 171 -12.59 1.29 8.21
N LEU A 172 -12.55 1.92 7.01
CA LEU A 172 -13.76 2.10 6.23
C LEU A 172 -14.20 0.73 5.66
N THR A 173 -13.26 -0.01 5.01
CA THR A 173 -13.56 -1.31 4.41
C THR A 173 -14.00 -2.34 5.45
N SER A 174 -13.46 -2.28 6.69
CA SER A 174 -13.89 -3.25 7.72
C SER A 174 -15.26 -2.87 8.32
N GLY A 175 -15.70 -1.66 8.09
CA GLY A 175 -16.97 -1.20 8.65
C GLY A 175 -16.86 -0.50 9.99
N ARG A 176 -15.63 -0.31 10.51
CA ARG A 176 -15.38 0.41 11.75
C ARG A 176 -15.78 1.90 11.57
N LEU A 177 -15.59 2.43 10.35
CA LEU A 177 -15.99 3.79 10.00
C LEU A 177 -17.14 3.74 9.01
N ASP A 178 -17.99 4.78 9.01
CA ASP A 178 -19.10 4.91 8.06
C ASP A 178 -18.65 5.67 6.80
N ALA A 179 -17.72 6.64 6.97
CA ALA A 179 -17.17 7.48 5.92
C ALA A 179 -15.76 7.93 6.25
N VAL A 180 -15.05 8.39 5.24
CA VAL A 180 -13.74 9.03 5.37
C VAL A 180 -13.76 10.33 4.56
N LEU A 181 -12.95 11.29 4.94
CA LEU A 181 -12.85 12.55 4.19
C LEU A 181 -11.39 12.75 3.90
N ALA A 182 -11.06 13.00 2.64
CA ALA A 182 -9.69 13.21 2.21
C ALA A 182 -9.69 13.77 0.81
N ASN A 183 -8.48 14.07 0.30
CA ASN A 183 -8.25 14.55 -1.05
C ASN A 183 -8.87 13.54 -2.04
N ALA A 184 -9.66 14.06 -3.00
CA ALA A 184 -10.43 13.25 -3.95
C ALA A 184 -9.56 12.47 -4.91
N THR A 185 -8.39 13.01 -5.33
CA THR A 185 -7.49 12.29 -6.22
C THR A 185 -6.89 11.10 -5.46
N VAL A 186 -6.61 11.30 -4.16
CA VAL A 186 -6.07 10.26 -3.28
C VAL A 186 -7.11 9.16 -3.09
N LEU A 187 -8.35 9.54 -2.77
CA LEU A 187 -9.45 8.58 -2.62
C LEU A 187 -9.78 7.87 -3.93
N ALA A 188 -9.79 8.59 -5.08
CA ALA A 188 -10.08 7.97 -6.39
C ALA A 188 -9.04 6.91 -6.74
N ALA A 189 -7.76 7.15 -6.38
CA ALA A 189 -6.69 6.19 -6.63
C ALA A 189 -6.82 5.00 -5.69
N ALA A 190 -7.08 5.27 -4.38
CA ALA A 190 -7.21 4.27 -3.32
C ALA A 190 -8.34 3.29 -3.56
N ILE A 191 -9.52 3.78 -4.00
CA ILE A 191 -10.70 2.92 -4.25
C ILE A 191 -10.47 1.97 -5.45
N GLU A 192 -9.50 2.28 -6.33
CA GLU A 192 -9.17 1.44 -7.47
C GLU A 192 -8.31 0.22 -7.06
N LYS A 193 -7.72 0.26 -5.86
CA LYS A 193 -6.89 -0.85 -5.35
C LYS A 193 -7.78 -2.00 -4.85
N PRO A 194 -7.36 -3.28 -5.06
CA PRO A 194 -8.18 -4.43 -4.63
C PRO A 194 -8.70 -4.41 -3.19
N GLU A 195 -7.90 -3.91 -2.24
CA GLU A 195 -8.30 -3.83 -0.83
C GLU A 195 -9.54 -2.96 -0.59
N MET A 196 -9.73 -1.95 -1.44
CA MET A 196 -10.85 -1.03 -1.30
C MET A 196 -12.00 -1.29 -2.26
N LYS A 197 -12.12 -2.55 -2.74
CA LYS A 197 -13.21 -2.99 -3.58
C LYS A 197 -14.53 -2.62 -2.88
N GLY A 198 -15.43 -1.99 -3.61
CA GLY A 198 -16.72 -1.57 -3.07
C GLY A 198 -16.77 -0.15 -2.53
N ALA A 199 -15.62 0.47 -2.25
CA ALA A 199 -15.62 1.87 -1.79
C ALA A 199 -15.87 2.85 -2.95
N LYS A 200 -16.44 4.00 -2.63
CA LYS A 200 -16.85 4.97 -3.64
C LYS A 200 -16.78 6.41 -3.12
N LEU A 201 -16.44 7.37 -4.02
CA LEU A 201 -16.49 8.80 -3.73
C LEU A 201 -17.95 9.22 -3.88
N VAL A 202 -18.48 9.88 -2.85
CA VAL A 202 -19.90 10.25 -2.81
C VAL A 202 -20.04 11.70 -2.39
N GLY A 203 -21.19 12.30 -2.70
CA GLY A 203 -21.45 13.69 -2.37
C GLY A 203 -20.65 14.67 -3.19
N PRO A 204 -20.63 15.96 -2.81
CA PRO A 204 -19.88 16.93 -3.60
C PRO A 204 -18.39 16.99 -3.27
N LEU A 205 -17.63 17.69 -4.11
CA LEU A 205 -16.20 17.91 -3.97
C LEU A 205 -15.98 19.36 -3.58
N PHE A 206 -15.04 19.62 -2.65
CA PHE A 206 -14.78 20.96 -2.16
C PHE A 206 -13.35 21.39 -2.42
N SER A 207 -13.16 22.68 -2.78
CA SER A 207 -11.86 23.30 -3.02
C SER A 207 -11.82 24.64 -2.31
N GLY A 208 -10.63 25.26 -2.26
CA GLY A 208 -10.42 26.54 -1.60
C GLY A 208 -10.66 26.45 -0.11
N GLY A 209 -10.89 27.60 0.52
CA GLY A 209 -11.12 27.69 1.97
C GLY A 209 -10.02 26.97 2.76
N GLU A 210 -10.41 26.04 3.67
CA GLU A 210 -9.49 25.21 4.49
C GLU A 210 -8.47 24.46 3.65
N PHE A 211 -8.91 23.94 2.50
CA PHE A 211 -8.09 23.11 1.62
C PHE A 211 -6.96 23.88 0.97
N GLY A 212 -7.24 25.09 0.55
CA GLY A 212 -6.26 26.01 -0.01
C GLY A 212 -5.40 25.46 -1.13
N VAL A 213 -4.16 25.93 -1.17
CA VAL A 213 -3.20 25.56 -2.21
C VAL A 213 -1.99 24.85 -1.60
N VAL A 214 -1.36 23.97 -2.40
CA VAL A 214 -0.21 23.17 -2.02
C VAL A 214 1.08 23.86 -2.44
N ALA A 215 2.05 23.92 -1.52
CA ALA A 215 3.36 24.51 -1.78
C ALA A 215 4.43 23.68 -1.08
N VAL A 216 5.70 23.98 -1.37
CA VAL A 216 6.85 23.35 -0.75
C VAL A 216 6.98 23.95 0.66
N GLY A 217 6.98 23.09 1.68
CA GLY A 217 7.20 23.50 3.07
C GLY A 217 8.68 23.72 3.32
N LEU A 218 9.04 24.84 3.92
CA LEU A 218 10.45 25.20 4.16
C LEU A 218 10.57 25.84 5.51
N ARG A 219 11.79 25.92 6.06
CA ARG A 219 12.01 26.66 7.32
C ARG A 219 11.71 28.13 7.08
N LYS A 220 10.98 28.70 8.04
CA LYS A 220 10.38 30.02 7.95
C LYS A 220 11.31 31.11 7.44
N GLU A 221 12.55 31.12 7.89
CA GLU A 221 13.50 32.13 7.50
C GLU A 221 14.56 31.58 6.53
N ASP A 222 14.28 30.42 5.86
CA ASP A 222 15.25 29.90 4.87
C ASP A 222 14.93 30.57 3.54
N THR A 223 15.30 31.86 3.43
CA THR A 223 14.94 32.70 2.30
C THR A 223 15.63 32.31 1.00
N ALA A 224 16.87 31.83 1.05
CA ALA A 224 17.61 31.43 -0.15
C ALA A 224 16.95 30.22 -0.81
N LEU A 225 16.62 29.19 0.01
CA LEU A 225 15.95 28.00 -0.51
C LEU A 225 14.54 28.34 -1.07
N LYS A 226 13.80 29.25 -0.40
CA LYS A 226 12.49 29.69 -0.89
C LYS A 226 12.67 30.43 -2.24
N ALA A 227 13.68 31.30 -2.36
CA ALA A 227 13.96 32.03 -3.60
C ALA A 227 14.26 31.04 -4.76
N ASP A 228 15.02 29.97 -4.45
CA ASP A 228 15.40 28.90 -5.40
C ASP A 228 14.19 28.11 -5.90
N PHE A 229 13.32 27.70 -4.96
CA PHE A 229 12.09 26.97 -5.29
C PHE A 229 11.10 27.84 -6.03
N ASP A 230 10.97 29.14 -5.63
CA ASP A 230 10.04 30.07 -6.28
C ASP A 230 10.34 30.29 -7.75
N ALA A 231 11.63 30.46 -8.10
CA ALA A 231 12.07 30.64 -9.48
C ALA A 231 11.82 29.34 -10.31
N ALA A 232 12.11 28.17 -9.72
CA ALA A 232 11.90 26.86 -10.35
C ALA A 232 10.43 26.55 -10.63
N ILE A 233 9.53 26.87 -9.66
CA ILE A 233 8.08 26.63 -9.80
C ILE A 233 7.49 27.55 -10.88
N LYS A 234 7.92 28.81 -10.90
CA LYS A 234 7.53 29.83 -11.87
C LYS A 234 7.89 29.33 -13.28
N ALA A 235 9.16 28.88 -13.47
CA ALA A 235 9.68 28.34 -14.73
C ALA A 235 8.94 27.06 -15.12
N ALA A 236 8.67 26.17 -14.15
CA ALA A 236 7.96 24.92 -14.37
C ALA A 236 6.48 25.14 -14.74
N SER A 237 5.83 26.19 -14.18
CA SER A 237 4.44 26.55 -14.47
C SER A 237 4.35 27.14 -15.89
N GLU A 238 5.38 27.92 -16.28
CA GLU A 238 5.52 28.61 -17.56
C GLU A 238 5.69 27.69 -18.78
N ASP A 239 6.25 26.48 -18.59
CA ASP A 239 6.48 25.56 -19.71
C ASP A 239 5.55 24.33 -19.71
N GLY A 240 4.50 24.36 -18.88
CA GLY A 240 3.47 23.33 -18.78
C GLY A 240 3.83 22.04 -18.08
N THR A 241 5.02 21.96 -17.46
CA THR A 241 5.51 20.78 -16.72
C THR A 241 4.57 20.30 -15.61
N ILE A 242 4.11 21.22 -14.74
CA ILE A 242 3.23 20.84 -13.63
C ILE A 242 1.88 20.29 -14.15
N LYS A 243 1.27 20.97 -15.14
CA LYS A 243 0.02 20.52 -15.77
C LYS A 243 0.24 19.10 -16.36
N THR A 244 1.34 18.90 -17.12
CA THR A 244 1.71 17.62 -17.73
C THR A 244 1.83 16.51 -16.67
N LEU A 245 2.62 16.78 -15.61
CA LEU A 245 2.83 15.82 -14.53
C LEU A 245 1.51 15.55 -13.79
N SER A 246 0.66 16.60 -13.62
CA SER A 246 -0.66 16.48 -12.98
C SER A 246 -1.57 15.52 -13.75
N LEU A 247 -1.61 15.69 -15.09
CA LEU A 247 -2.41 14.85 -15.99
C LEU A 247 -1.90 13.41 -16.02
N LYS A 248 -0.55 13.25 -16.02
CA LYS A 248 0.14 11.96 -15.98
C LYS A 248 -0.26 11.14 -14.73
N TRP A 249 -0.25 11.79 -13.55
CA TRP A 249 -0.51 11.11 -12.28
C TRP A 249 -1.96 11.04 -11.83
N PHE A 250 -2.75 12.12 -12.02
CA PHE A 250 -4.14 12.17 -11.52
C PHE A 250 -5.27 12.06 -12.56
N LYS A 251 -4.96 12.29 -13.84
CA LYS A 251 -5.94 12.32 -14.95
C LYS A 251 -7.00 13.40 -14.70
N VAL A 252 -6.55 14.51 -14.05
CA VAL A 252 -7.26 15.76 -13.72
C VAL A 252 -6.19 16.85 -13.53
N ASP A 253 -6.52 18.10 -13.81
CA ASP A 253 -5.56 19.17 -13.60
C ASP A 253 -5.67 19.71 -12.16
N VAL A 254 -4.59 19.53 -11.35
CA VAL A 254 -4.52 20.00 -9.96
C VAL A 254 -3.82 21.36 -9.80
N THR A 255 -3.19 21.90 -10.85
CA THR A 255 -2.49 23.20 -10.81
C THR A 255 -3.45 24.33 -10.35
N PRO A 256 -3.02 25.32 -9.52
CA PRO A 256 -3.95 26.40 -9.14
C PRO A 256 -4.10 27.40 -10.30
N GLN A 257 -2.97 28.03 -10.71
CA GLN A 257 -2.80 28.97 -11.82
C GLN A 257 -1.31 29.04 -12.19
N LYS B 4 -9.28 -18.62 -27.57
CA LYS B 4 -8.73 -19.22 -26.35
C LYS B 4 -8.51 -18.13 -25.28
N SER B 5 -9.32 -18.13 -24.22
CA SER B 5 -9.18 -17.10 -23.17
C SER B 5 -9.17 -17.69 -21.78
N ILE B 6 -8.25 -17.20 -20.93
CA ILE B 6 -8.09 -17.66 -19.56
C ILE B 6 -8.19 -16.49 -18.56
N THR B 7 -9.11 -16.59 -17.57
CA THR B 7 -9.24 -15.57 -16.53
C THR B 7 -8.50 -16.08 -15.31
N ILE B 8 -7.47 -15.32 -14.91
CA ILE B 8 -6.60 -15.66 -13.80
C ILE B 8 -6.81 -14.70 -12.64
N ALA B 9 -7.12 -15.26 -11.47
CA ALA B 9 -7.28 -14.46 -10.26
C ALA B 9 -6.00 -14.40 -9.45
N THR B 10 -5.73 -13.22 -8.93
CA THR B 10 -4.63 -12.95 -8.01
C THR B 10 -5.21 -12.13 -6.84
N GLU B 11 -4.48 -11.98 -5.73
CA GLU B 11 -4.98 -11.22 -4.60
C GLU B 11 -4.72 -9.72 -4.75
N GLY B 12 -3.48 -9.38 -5.06
CA GLY B 12 -3.01 -8.01 -5.17
C GLY B 12 -2.53 -7.45 -3.84
N GLY B 13 -2.32 -8.30 -2.83
CA GLY B 13 -1.84 -7.82 -1.52
C GLY B 13 -0.62 -8.55 -1.01
N TYR B 14 0.31 -8.90 -1.93
CA TYR B 14 1.42 -9.76 -1.61
C TYR B 14 2.65 -9.48 -2.49
N ALA B 15 3.08 -8.21 -2.50
CA ALA B 15 4.23 -7.76 -3.28
C ALA B 15 5.51 -8.46 -2.79
N PRO B 16 6.42 -8.86 -3.70
CA PRO B 16 6.45 -8.61 -5.16
C PRO B 16 5.76 -9.68 -6.01
N TRP B 17 5.09 -10.69 -5.40
CA TRP B 17 4.39 -11.77 -6.13
C TRP B 17 3.21 -11.19 -6.94
N ASN B 18 2.35 -10.44 -6.26
CA ASN B 18 1.16 -9.83 -6.82
C ASN B 18 0.78 -8.64 -5.95
N PHE B 19 0.56 -7.51 -6.59
CA PHE B 19 0.22 -6.25 -5.92
C PHE B 19 -0.39 -5.34 -6.98
N SER B 20 -0.69 -4.11 -6.63
CA SER B 20 -1.24 -3.17 -7.58
C SER B 20 -0.47 -1.86 -7.58
N GLY B 21 -0.48 -1.19 -8.73
CA GLY B 21 0.12 0.13 -8.91
C GLY B 21 -0.73 1.21 -8.27
N PRO B 22 -0.37 2.51 -8.40
CA PRO B 22 -1.16 3.58 -7.75
C PRO B 22 -2.63 3.60 -8.13
N GLY B 23 -2.92 3.31 -9.40
CA GLY B 23 -4.28 3.26 -9.94
C GLY B 23 -4.90 1.88 -10.05
N GLY B 24 -4.47 0.96 -9.17
CA GLY B 24 -4.97 -0.40 -9.09
C GLY B 24 -4.58 -1.42 -10.15
N LYS B 25 -3.68 -1.07 -11.09
CA LYS B 25 -3.24 -2.03 -12.11
C LYS B 25 -2.43 -3.17 -11.46
N LEU B 26 -2.90 -4.41 -11.61
CA LEU B 26 -2.21 -5.57 -11.04
C LEU B 26 -0.84 -5.78 -11.65
N ASP B 27 0.17 -5.97 -10.78
CA ASP B 27 1.56 -6.13 -11.19
C ASP B 27 2.27 -7.13 -10.31
N GLY B 28 3.47 -7.52 -10.73
CA GLY B 28 4.31 -8.42 -9.97
C GLY B 28 4.75 -9.65 -10.74
N PHE B 29 5.52 -10.50 -10.05
CA PHE B 29 6.05 -11.76 -10.58
C PHE B 29 4.98 -12.63 -11.21
N GLU B 30 3.84 -12.78 -10.53
CA GLU B 30 2.75 -13.64 -11.02
C GLU B 30 1.97 -13.06 -12.17
N ILE B 31 1.94 -11.73 -12.34
CA ILE B 31 1.27 -11.04 -13.45
C ILE B 31 2.13 -11.26 -14.70
N ASP B 32 3.45 -11.01 -14.58
CA ASP B 32 4.42 -11.23 -15.64
C ASP B 32 4.45 -12.70 -16.01
N LEU B 33 4.45 -13.61 -15.00
CA LEU B 33 4.41 -15.05 -15.25
C LEU B 33 3.12 -15.47 -15.93
N ALA B 34 1.94 -14.97 -15.46
CA ALA B 34 0.64 -15.32 -16.05
C ALA B 34 0.62 -14.99 -17.56
N ASN B 35 1.08 -13.78 -17.93
CA ASN B 35 1.16 -13.31 -19.30
C ASN B 35 2.12 -14.15 -20.15
N ALA B 36 3.31 -14.49 -19.59
CA ALA B 36 4.32 -15.32 -20.26
C ALA B 36 3.78 -16.74 -20.51
N LEU B 37 3.05 -17.31 -19.53
CA LEU B 37 2.45 -18.65 -19.64
C LEU B 37 1.32 -18.66 -20.67
N CYS B 38 0.48 -17.61 -20.68
CA CYS B 38 -0.62 -17.48 -21.63
C CYS B 38 -0.12 -17.31 -23.06
N GLU B 39 1.05 -16.66 -23.25
CA GLU B 39 1.67 -16.48 -24.56
C GLU B 39 2.10 -17.87 -25.09
N LYS B 40 2.70 -18.71 -24.21
CA LYS B 40 3.11 -20.07 -24.54
C LYS B 40 1.90 -20.96 -24.83
N MET B 41 0.80 -20.75 -24.09
CA MET B 41 -0.47 -21.47 -24.26
C MET B 41 -1.27 -20.96 -25.47
N LYS B 42 -0.83 -19.82 -26.09
CA LYS B 42 -1.50 -19.12 -27.19
C LYS B 42 -2.94 -18.76 -26.76
N ALA B 43 -3.07 -18.16 -25.57
CA ALA B 43 -4.34 -17.77 -25.01
C ALA B 43 -4.35 -16.33 -24.53
N LYS B 44 -5.52 -15.68 -24.63
CA LYS B 44 -5.73 -14.31 -24.15
C LYS B 44 -5.81 -14.40 -22.63
N CYS B 45 -5.03 -13.55 -21.97
CA CYS B 45 -4.88 -13.50 -20.52
C CYS B 45 -5.66 -12.34 -19.91
N GLN B 46 -6.62 -12.64 -19.04
CA GLN B 46 -7.32 -11.60 -18.26
C GLN B 46 -6.98 -11.84 -16.78
N ILE B 47 -6.30 -10.89 -16.15
CA ILE B 47 -5.93 -10.99 -14.74
C ILE B 47 -6.88 -10.16 -13.88
N VAL B 48 -7.52 -10.82 -12.90
CA VAL B 48 -8.48 -10.19 -11.98
C VAL B 48 -8.00 -10.29 -10.53
N ALA B 49 -8.56 -9.43 -9.67
CA ALA B 49 -8.24 -9.40 -8.26
C ALA B 49 -9.35 -10.09 -7.48
N GLN B 50 -8.96 -10.87 -6.49
CA GLN B 50 -9.89 -11.59 -5.62
C GLN B 50 -9.24 -11.66 -4.24
N ASN B 51 -9.99 -11.28 -3.18
CA ASN B 51 -9.46 -11.31 -1.82
C ASN B 51 -9.08 -12.77 -1.47
N TRP B 52 -8.03 -12.93 -0.62
CA TRP B 52 -7.54 -14.22 -0.18
C TRP B 52 -8.62 -15.15 0.40
N ASP B 53 -9.46 -14.62 1.29
CA ASP B 53 -10.52 -15.41 1.93
C ASP B 53 -11.44 -16.14 0.93
N GLY B 54 -11.89 -15.43 -0.10
CA GLY B 54 -12.79 -16.04 -1.08
C GLY B 54 -12.16 -16.54 -2.36
N ILE B 55 -10.81 -16.65 -2.45
CA ILE B 55 -10.13 -17.03 -3.70
C ILE B 55 -10.44 -18.48 -4.16
N MET B 56 -10.59 -19.45 -3.25
CA MET B 56 -10.90 -20.82 -3.67
C MET B 56 -12.41 -21.03 -3.97
N PRO B 57 -13.36 -20.54 -3.11
CA PRO B 57 -14.79 -20.69 -3.46
C PRO B 57 -15.18 -19.96 -4.76
N SER B 58 -14.47 -18.86 -5.11
CA SER B 58 -14.76 -18.17 -6.37
C SER B 58 -14.20 -18.92 -7.58
N LEU B 59 -13.14 -19.72 -7.37
CA LEU B 59 -12.60 -20.58 -8.43
C LEU B 59 -13.60 -21.75 -8.71
N THR B 60 -14.04 -22.46 -7.64
CA THR B 60 -15.00 -23.56 -7.78
C THR B 60 -16.35 -23.01 -8.24
N GLY B 61 -16.66 -21.78 -7.84
CA GLY B 61 -17.88 -21.09 -8.25
C GLY B 61 -17.83 -20.56 -9.69
N LYS B 62 -16.67 -20.77 -10.39
CA LYS B 62 -16.41 -20.41 -11.80
C LYS B 62 -16.42 -18.89 -12.10
N LYS B 63 -16.03 -18.08 -11.14
CA LYS B 63 -15.92 -16.62 -11.32
C LYS B 63 -14.72 -16.35 -12.26
N TYR B 64 -13.76 -17.28 -12.26
CA TYR B 64 -12.54 -17.27 -13.07
C TYR B 64 -12.05 -18.72 -13.21
N ASP B 65 -11.00 -18.93 -13.98
CA ASP B 65 -10.51 -20.26 -14.34
C ASP B 65 -9.30 -20.76 -13.60
N ALA B 66 -8.49 -19.83 -13.06
CA ALA B 66 -7.23 -20.17 -12.40
C ALA B 66 -6.85 -19.18 -11.30
N ILE B 67 -6.01 -19.65 -10.36
CA ILE B 67 -5.46 -18.84 -9.27
C ILE B 67 -3.96 -18.77 -9.40
N MET B 68 -3.41 -17.55 -9.45
CA MET B 68 -1.98 -17.33 -9.37
C MET B 68 -1.81 -16.28 -8.29
N ALA B 69 -1.83 -16.69 -7.02
CA ALA B 69 -1.75 -15.77 -5.88
C ALA B 69 -0.79 -16.30 -4.78
N ALA B 70 0.35 -16.88 -5.22
CA ALA B 70 1.40 -17.47 -4.40
C ALA B 70 0.81 -18.56 -3.50
N MET B 71 -0.11 -19.34 -4.08
CA MET B 71 -0.80 -20.40 -3.38
C MET B 71 0.02 -21.68 -3.34
N SER B 72 0.32 -22.13 -2.12
CA SER B 72 1.03 -23.37 -1.90
C SER B 72 0.08 -24.53 -2.11
N VAL B 73 0.62 -25.65 -2.62
CA VAL B 73 -0.11 -26.91 -2.77
C VAL B 73 -0.10 -27.52 -1.35
N THR B 74 -1.27 -27.81 -0.79
CA THR B 74 -1.38 -28.46 0.53
C THR B 74 -2.38 -29.61 0.40
N PRO B 75 -2.26 -30.71 1.20
CA PRO B 75 -3.25 -31.80 1.09
C PRO B 75 -4.70 -31.34 1.30
N LYS B 76 -4.94 -30.37 2.21
CA LYS B 76 -6.27 -29.81 2.48
C LYS B 76 -6.83 -29.08 1.24
N ARG B 77 -5.98 -28.29 0.55
CA ARG B 77 -6.40 -27.57 -0.67
C ARG B 77 -6.62 -28.53 -1.85
N GLN B 78 -5.85 -29.63 -1.90
CA GLN B 78 -5.96 -30.68 -2.92
C GLN B 78 -7.28 -31.44 -2.83
N GLU B 79 -7.94 -31.38 -1.66
CA GLU B 79 -9.25 -32.03 -1.46
C GLU B 79 -10.35 -31.23 -2.18
N VAL B 80 -10.14 -29.91 -2.39
CA VAL B 80 -11.17 -29.04 -2.96
C VAL B 80 -10.81 -28.59 -4.41
N ILE B 81 -9.51 -28.33 -4.69
CA ILE B 81 -9.08 -27.89 -6.03
C ILE B 81 -7.92 -28.72 -6.58
N GLY B 82 -7.62 -28.50 -7.86
CA GLY B 82 -6.49 -29.09 -8.56
C GLY B 82 -5.35 -28.09 -8.65
N PHE B 83 -4.16 -28.56 -9.06
CA PHE B 83 -3.01 -27.68 -9.20
C PHE B 83 -2.20 -28.05 -10.42
N SER B 84 -1.54 -27.06 -11.01
CA SER B 84 -0.59 -27.26 -12.10
C SER B 84 0.70 -27.78 -11.45
N ILE B 85 1.73 -28.12 -12.26
CA ILE B 85 3.05 -28.43 -11.74
C ILE B 85 3.56 -27.13 -11.04
N PRO B 86 4.41 -27.19 -9.99
CA PRO B 86 4.80 -25.95 -9.31
C PRO B 86 5.68 -25.00 -10.11
N TYR B 87 5.62 -23.71 -9.80
CA TYR B 87 6.47 -22.70 -10.46
C TYR B 87 7.37 -21.97 -9.48
N ALA B 88 7.11 -22.16 -8.17
CA ALA B 88 7.86 -21.50 -7.11
C ALA B 88 7.76 -22.26 -5.79
N ALA B 89 8.51 -21.80 -4.78
CA ALA B 89 8.56 -22.39 -3.44
C ALA B 89 8.60 -21.25 -2.41
N GLY B 90 7.93 -21.46 -1.29
CA GLY B 90 7.88 -20.45 -0.23
C GLY B 90 8.92 -20.60 0.87
N ILE B 91 9.54 -19.47 1.24
CA ILE B 91 10.48 -19.37 2.37
C ILE B 91 9.87 -18.35 3.36
N ASN B 92 9.67 -18.77 4.61
CA ASN B 92 9.02 -17.96 5.62
C ASN B 92 9.89 -17.62 6.82
N GLY B 93 9.65 -16.43 7.38
CA GLY B 93 10.35 -15.93 8.55
C GLY B 93 9.59 -14.86 9.31
N PHE B 94 10.09 -14.52 10.49
CA PHE B 94 9.52 -13.52 11.38
C PHE B 94 10.10 -12.14 11.12
N ALA B 95 9.29 -11.11 11.38
CA ALA B 95 9.73 -9.73 11.35
C ALA B 95 9.24 -9.09 12.66
N VAL B 96 10.07 -8.21 13.22
CA VAL B 96 9.79 -7.47 14.46
C VAL B 96 10.31 -6.06 14.24
N MET B 97 10.09 -5.17 15.21
CA MET B 97 10.69 -3.84 15.19
C MET B 97 12.14 -4.06 15.60
N GLY B 98 13.04 -3.64 14.72
CA GLY B 98 14.49 -3.78 14.85
C GLY B 98 15.09 -3.30 16.16
N ASP B 99 14.42 -2.38 16.86
CA ASP B 99 14.88 -1.88 18.14
C ASP B 99 14.66 -2.85 19.28
N SER B 100 13.59 -3.65 19.21
CA SER B 100 13.15 -4.56 20.24
C SER B 100 14.11 -5.66 20.58
N LYS B 101 13.94 -6.18 21.80
CA LYS B 101 14.70 -7.31 22.37
C LYS B 101 14.44 -8.55 21.52
N LEU B 102 13.27 -8.61 20.85
CA LEU B 102 12.90 -9.71 19.97
C LEU B 102 13.79 -9.82 18.74
N ALA B 103 14.57 -8.75 18.43
CA ALA B 103 15.54 -8.75 17.33
C ALA B 103 16.70 -9.73 17.62
N GLU B 104 16.83 -10.15 18.90
CA GLU B 104 17.84 -11.09 19.37
C GLU B 104 17.45 -12.56 19.17
N MET B 105 16.31 -12.79 18.48
CA MET B 105 15.82 -14.14 18.16
C MET B 105 17.00 -15.01 17.61
N PRO B 106 17.25 -16.19 18.18
CA PRO B 106 18.36 -17.02 17.68
C PRO B 106 18.09 -17.52 16.26
N GLY B 107 19.17 -17.88 15.58
CA GLY B 107 19.14 -18.46 14.25
C GLY B 107 18.99 -17.46 13.12
N LEU B 108 19.35 -16.19 13.38
CA LEU B 108 19.29 -15.08 12.40
C LEU B 108 19.86 -15.47 11.01
N GLY B 109 18.99 -15.43 10.01
CA GLY B 109 19.30 -15.74 8.62
C GLY B 109 19.59 -17.20 8.32
N GLU B 110 19.60 -18.09 9.34
CA GLU B 110 19.83 -19.53 9.12
C GLU B 110 18.60 -20.12 8.42
N THR B 111 18.80 -20.96 7.43
CA THR B 111 17.65 -21.50 6.73
C THR B 111 17.48 -22.98 7.10
N TYR B 112 16.23 -23.41 7.33
CA TYR B 112 15.91 -24.79 7.67
C TYR B 112 14.84 -25.34 6.77
N SER B 113 15.13 -26.47 6.11
CA SER B 113 14.14 -27.14 5.30
C SER B 113 13.39 -28.08 6.25
N LEU B 114 12.08 -27.92 6.35
CA LEU B 114 11.26 -28.79 7.20
C LEU B 114 11.24 -30.24 6.67
N ASP B 115 11.66 -30.45 5.39
CA ASP B 115 11.73 -31.77 4.75
C ASP B 115 13.08 -32.46 4.99
N SER B 116 14.20 -31.79 4.63
CA SER B 116 15.54 -32.38 4.72
C SER B 116 16.29 -32.09 6.03
N GLN B 117 15.79 -31.15 6.84
CA GLN B 117 16.44 -30.82 8.11
C GLN B 117 15.41 -30.74 9.25
N ALA B 118 14.49 -31.74 9.34
CA ALA B 118 13.44 -31.83 10.38
C ALA B 118 13.98 -31.75 11.82
N ASP B 119 15.13 -32.39 12.09
CA ASP B 119 15.76 -32.42 13.42
C ASP B 119 16.22 -31.01 13.84
N ALA B 120 17.00 -30.33 12.97
CA ALA B 120 17.51 -29.00 13.23
C ALA B 120 16.37 -27.97 13.24
N ALA B 121 15.38 -28.13 12.32
CA ALA B 121 14.25 -27.21 12.22
C ALA B 121 13.41 -27.23 13.50
N LYS B 122 13.09 -28.43 14.02
CA LYS B 122 12.31 -28.56 15.25
C LYS B 122 13.03 -27.98 16.48
N LYS B 123 14.38 -28.02 16.50
CA LYS B 123 15.21 -27.44 17.55
C LYS B 123 15.17 -25.88 17.44
N ALA B 124 15.35 -25.35 16.21
CA ALA B 124 15.27 -23.91 15.96
C ALA B 124 13.87 -23.40 16.35
N ILE B 125 12.80 -24.14 15.95
CA ILE B 125 11.40 -23.84 16.25
C ILE B 125 11.17 -23.80 17.77
N ALA B 126 11.71 -24.80 18.50
CA ALA B 126 11.60 -24.89 19.97
C ALA B 126 12.27 -23.69 20.65
N ASP B 127 13.47 -23.32 20.18
CA ASP B 127 14.21 -22.16 20.68
C ASP B 127 13.41 -20.86 20.45
N ILE B 128 12.85 -20.66 19.23
CA ILE B 128 12.06 -19.45 18.87
C ILE B 128 10.79 -19.37 19.71
N SER B 129 10.09 -20.51 19.85
CA SER B 129 8.86 -20.64 20.63
C SER B 129 9.07 -20.20 22.08
N SER B 130 10.16 -20.67 22.72
CA SER B 130 10.53 -20.31 24.07
C SER B 130 10.91 -18.81 24.13
N PHE B 131 11.59 -18.32 23.09
CA PHE B 131 12.01 -16.93 22.98
C PHE B 131 10.81 -15.96 22.83
N LEU B 132 9.76 -16.40 22.12
CA LEU B 132 8.56 -15.64 21.84
C LEU B 132 7.46 -15.80 22.91
N ASN B 133 7.78 -16.48 24.03
CA ASN B 133 6.83 -16.72 25.11
C ASN B 133 6.16 -15.45 25.60
N GLY B 134 4.83 -15.45 25.59
CA GLY B 134 4.03 -14.34 26.06
C GLY B 134 3.85 -13.17 25.11
N THR B 135 4.34 -13.31 23.88
CA THR B 135 4.23 -12.24 22.88
C THR B 135 2.99 -12.45 22.03
N THR B 136 2.64 -11.43 21.24
CA THR B 136 1.53 -11.46 20.31
C THR B 136 2.11 -11.47 18.90
N VAL B 137 1.82 -12.53 18.13
CA VAL B 137 2.30 -12.71 16.76
C VAL B 137 1.14 -12.61 15.76
N GLY B 138 1.29 -11.73 14.79
CA GLY B 138 0.32 -11.54 13.71
C GLY B 138 0.64 -12.43 12.53
N VAL B 139 -0.42 -12.91 11.87
CA VAL B 139 -0.28 -13.78 10.70
C VAL B 139 -1.50 -13.63 9.80
N GLN B 140 -1.34 -13.91 8.50
CA GLN B 140 -2.48 -13.89 7.61
C GLN B 140 -3.24 -15.21 7.81
N GLY B 141 -4.53 -15.12 8.12
CA GLY B 141 -5.38 -16.30 8.32
C GLY B 141 -5.50 -17.14 7.06
N SER B 142 -5.65 -18.46 7.23
CA SER B 142 -5.79 -19.45 6.15
C SER B 142 -4.58 -19.48 5.21
N THR B 143 -3.38 -19.55 5.81
CA THR B 143 -2.14 -19.62 5.05
C THR B 143 -1.30 -20.73 5.63
N THR B 144 -0.20 -21.09 4.92
CA THR B 144 0.79 -22.05 5.38
C THR B 144 1.44 -21.48 6.67
N ALA B 145 1.56 -20.12 6.78
CA ALA B 145 2.11 -19.42 7.95
C ALA B 145 1.20 -19.56 9.19
N SER B 146 -0.13 -19.39 9.04
CA SER B 146 -1.07 -19.61 10.16
C SER B 146 -1.06 -21.09 10.56
N THR B 147 -0.96 -22.01 9.57
CA THR B 147 -0.87 -23.46 9.88
C THR B 147 0.40 -23.73 10.70
N PHE B 148 1.54 -23.17 10.26
CA PHE B 148 2.83 -23.30 10.94
C PHE B 148 2.77 -22.78 12.38
N LEU B 149 2.18 -21.58 12.59
CA LEU B 149 2.02 -20.98 13.92
C LEU B 149 1.16 -21.82 14.82
N ASP B 150 0.00 -22.29 14.31
CA ASP B 150 -0.95 -23.14 15.05
C ASP B 150 -0.28 -24.45 15.50
N LYS B 151 0.56 -25.04 14.62
CA LYS B 151 1.24 -26.30 14.91
C LYS B 151 2.38 -26.18 15.96
N TYR B 152 3.21 -25.13 15.88
CA TYR B 152 4.38 -25.04 16.74
C TYR B 152 4.39 -23.97 17.83
N PHE B 153 3.54 -22.93 17.73
CA PHE B 153 3.58 -21.80 18.65
C PHE B 153 2.31 -21.53 19.45
N LYS B 154 1.21 -22.24 19.17
CA LYS B 154 -0.12 -22.03 19.76
C LYS B 154 -0.14 -21.72 21.32
N GLY B 155 0.28 -22.63 22.20
CA GLY B 155 0.25 -22.39 23.65
C GLY B 155 1.40 -21.59 24.22
N SER B 156 2.20 -20.99 23.35
CA SER B 156 3.39 -20.23 23.70
C SER B 156 3.19 -18.73 23.41
N VAL B 157 2.53 -18.46 22.30
CA VAL B 157 2.30 -17.15 21.74
C VAL B 157 0.82 -16.87 21.57
N ASP B 158 0.42 -15.60 21.64
CA ASP B 158 -0.95 -15.19 21.35
C ASP B 158 -0.96 -14.95 19.84
N ILE B 159 -1.64 -15.82 19.06
CA ILE B 159 -1.70 -15.72 17.59
C ILE B 159 -2.88 -14.89 17.14
N LYS B 160 -2.60 -13.79 16.43
CA LYS B 160 -3.63 -12.90 15.92
C LYS B 160 -3.68 -13.06 14.42
N GLU B 161 -4.83 -13.44 13.91
CA GLU B 161 -5.02 -13.67 12.47
C GLU B 161 -5.62 -12.47 11.77
N TYR B 162 -5.15 -12.20 10.57
CA TYR B 162 -5.54 -11.04 9.77
C TYR B 162 -5.92 -11.47 8.39
N LYS B 163 -6.78 -10.72 7.72
CA LYS B 163 -7.22 -11.03 6.36
C LYS B 163 -6.12 -10.78 5.32
N SER B 164 -5.23 -9.81 5.58
CA SER B 164 -4.13 -9.48 4.67
C SER B 164 -2.82 -9.21 5.42
N VAL B 165 -1.72 -9.29 4.67
CA VAL B 165 -0.36 -9.01 5.14
C VAL B 165 -0.26 -7.53 5.57
N GLU B 166 -0.81 -6.62 4.75
CA GLU B 166 -0.80 -5.17 5.02
C GLU B 166 -1.39 -4.87 6.42
N GLU B 167 -2.50 -5.56 6.77
CA GLU B 167 -3.17 -5.37 8.06
C GLU B 167 -2.30 -5.78 9.23
N HIS B 168 -1.62 -6.95 9.17
CA HIS B 168 -0.76 -7.33 10.27
C HIS B 168 0.49 -6.45 10.34
N ASN B 169 1.01 -6.00 9.17
CA ASN B 169 2.18 -5.13 9.14
C ASN B 169 1.93 -3.78 9.80
N LEU B 170 0.72 -3.23 9.64
CA LEU B 170 0.36 -1.96 10.28
C LEU B 170 0.25 -2.12 11.79
N ASP B 171 -0.21 -3.28 12.26
CA ASP B 171 -0.30 -3.57 13.68
C ASP B 171 1.06 -3.87 14.30
N LEU B 172 2.03 -4.32 13.48
CA LEU B 172 3.40 -4.50 13.98
C LEU B 172 4.03 -3.11 14.24
N THR B 173 3.94 -2.21 13.25
CA THR B 173 4.54 -0.87 13.36
C THR B 173 3.89 -0.03 14.45
N SER B 174 2.58 -0.19 14.71
CA SER B 174 1.92 0.56 15.79
C SER B 174 2.25 -0.01 17.17
N GLY B 175 2.79 -1.21 17.23
CA GLY B 175 3.11 -1.84 18.51
C GLY B 175 2.01 -2.72 19.06
N ARG B 176 0.89 -2.88 18.34
CA ARG B 176 -0.22 -3.77 18.72
C ARG B 176 0.28 -5.23 18.68
N LEU B 177 1.20 -5.55 17.76
CA LEU B 177 1.81 -6.88 17.66
C LEU B 177 3.27 -6.78 18.00
N ASP B 178 3.86 -7.88 18.50
CA ASP B 178 5.29 -7.97 18.81
C ASP B 178 6.08 -8.50 17.62
N ALA B 179 5.46 -9.38 16.82
CA ALA B 179 6.05 -10.02 15.64
C ALA B 179 4.98 -10.38 14.63
N VAL B 180 5.42 -10.63 13.39
CA VAL B 180 4.58 -11.15 12.30
C VAL B 180 5.32 -12.30 11.64
N LEU B 181 4.59 -13.24 11.04
CA LEU B 181 5.21 -14.35 10.33
C LEU B 181 4.58 -14.38 8.95
N ALA B 182 5.41 -14.37 7.89
CA ALA B 182 4.94 -14.40 6.50
C ALA B 182 6.08 -14.83 5.61
N ASN B 183 5.79 -14.93 4.30
CA ASN B 183 6.78 -15.23 3.30
C ASN B 183 7.90 -14.14 3.39
N ALA B 184 9.16 -14.58 3.42
CA ALA B 184 10.33 -13.73 3.61
C ALA B 184 10.53 -12.72 2.51
N THR B 185 10.22 -13.08 1.24
CA THR B 185 10.36 -12.14 0.11
C THR B 185 9.31 -11.02 0.26
N VAL B 186 8.12 -11.39 0.75
CA VAL B 186 7.02 -10.46 0.99
C VAL B 186 7.41 -9.50 2.12
N LEU B 187 7.91 -10.04 3.24
CA LEU B 187 8.38 -9.23 4.36
C LEU B 187 9.58 -8.36 3.99
N ALA B 188 10.57 -8.89 3.22
CA ALA B 188 11.74 -8.10 2.79
C ALA B 188 11.32 -6.90 1.95
N ALA B 189 10.30 -7.07 1.09
CA ALA B 189 9.79 -5.97 0.26
C ALA B 189 9.01 -4.96 1.13
N ALA B 190 8.15 -5.48 2.02
CA ALA B 190 7.31 -4.67 2.92
C ALA B 190 8.09 -3.78 3.86
N ILE B 191 9.16 -4.31 4.47
CA ILE B 191 9.94 -3.53 5.45
C ILE B 191 10.73 -2.39 4.77
N GLU B 192 10.90 -2.46 3.43
CA GLU B 192 11.57 -1.41 2.66
C GLU B 192 10.66 -0.20 2.40
N LYS B 193 9.33 -0.37 2.59
CA LYS B 193 8.35 0.72 2.42
C LYS B 193 8.42 1.68 3.61
N PRO B 194 8.23 3.01 3.36
CA PRO B 194 8.36 4.01 4.45
C PRO B 194 7.59 3.73 5.74
N GLU B 195 6.38 3.17 5.61
CA GLU B 195 5.51 2.85 6.76
C GLU B 195 6.15 1.86 7.70
N MET B 196 7.01 0.96 7.17
CA MET B 196 7.63 -0.08 7.96
C MET B 196 9.06 0.26 8.39
N LYS B 197 9.41 1.55 8.42
CA LYS B 197 10.71 2.03 8.90
C LYS B 197 10.93 1.45 10.31
N GLY B 198 12.11 0.87 10.51
CA GLY B 198 12.44 0.25 11.79
C GLY B 198 12.18 -1.24 11.85
N ALA B 199 11.32 -1.80 10.98
CA ALA B 199 11.06 -3.25 11.01
C ALA B 199 12.24 -4.03 10.39
N LYS B 200 12.49 -5.23 10.88
CA LYS B 200 13.55 -6.11 10.39
C LYS B 200 13.16 -7.57 10.41
N LEU B 201 13.71 -8.34 9.45
CA LEU B 201 13.59 -9.79 9.39
CA LEU B 201 13.58 -9.79 9.41
C LEU B 201 14.55 -10.28 10.49
N VAL B 202 14.11 -11.20 11.32
CA VAL B 202 14.93 -11.70 12.40
C VAL B 202 14.75 -13.22 12.48
N GLY B 203 15.64 -13.86 13.21
CA GLY B 203 15.59 -15.30 13.38
C GLY B 203 15.72 -16.07 12.07
N PRO B 204 15.38 -17.36 12.11
CA PRO B 204 15.59 -18.21 10.94
C PRO B 204 14.53 -18.17 9.85
N LEU B 205 14.88 -18.76 8.69
CA LEU B 205 13.99 -18.88 7.54
C LEU B 205 13.64 -20.35 7.35
N PHE B 206 12.36 -20.63 7.09
CA PHE B 206 11.88 -22.00 6.95
C PHE B 206 11.31 -22.25 5.56
N SER B 207 11.59 -23.43 4.99
CA SER B 207 11.09 -23.88 3.69
C SER B 207 10.59 -25.31 3.81
N GLY B 208 9.91 -25.81 2.76
CA GLY B 208 9.35 -27.16 2.73
C GLY B 208 8.26 -27.34 3.77
N GLY B 209 7.97 -28.59 4.13
CA GLY B 209 6.93 -28.92 5.09
C GLY B 209 5.61 -28.27 4.72
N GLU B 210 4.99 -27.58 5.69
CA GLU B 210 3.73 -26.83 5.53
C GLU B 210 3.81 -25.85 4.36
N PHE B 211 4.94 -25.11 4.23
CA PHE B 211 5.13 -24.07 3.23
C PHE B 211 5.06 -24.60 1.81
N GLY B 212 5.65 -25.77 1.59
CA GLY B 212 5.60 -26.46 0.31
C GLY B 212 5.97 -25.65 -0.92
N VAL B 213 5.30 -25.97 -2.04
CA VAL B 213 5.56 -25.37 -3.34
C VAL B 213 4.32 -24.64 -3.85
N VAL B 214 4.54 -23.61 -4.66
CA VAL B 214 3.52 -22.77 -5.27
C VAL B 214 3.16 -23.24 -6.67
N ALA B 215 1.85 -23.36 -6.95
CA ALA B 215 1.38 -23.78 -8.27
C ALA B 215 0.12 -23.00 -8.62
N VAL B 216 -0.33 -23.13 -9.88
CA VAL B 216 -1.56 -22.51 -10.38
C VAL B 216 -2.74 -23.33 -9.83
N GLY B 217 -3.65 -22.67 -9.13
CA GLY B 217 -4.86 -23.29 -8.61
C GLY B 217 -5.88 -23.42 -9.73
N LEU B 218 -6.48 -24.61 -9.89
CA LEU B 218 -7.44 -24.89 -10.97
C LEU B 218 -8.57 -25.75 -10.44
N ARG B 219 -9.73 -25.79 -11.13
CA ARG B 219 -10.81 -26.70 -10.73
C ARG B 219 -10.33 -28.15 -10.97
N LYS B 220 -10.80 -29.13 -10.19
CA LYS B 220 -10.37 -30.53 -10.37
C LYS B 220 -10.71 -31.11 -11.76
N GLU B 221 -11.89 -30.77 -12.31
CA GLU B 221 -12.37 -31.28 -13.60
C GLU B 221 -11.72 -30.63 -14.85
N ASP B 222 -10.94 -29.57 -14.67
CA ASP B 222 -10.28 -28.88 -15.78
C ASP B 222 -8.92 -29.52 -16.16
N THR B 223 -8.98 -30.78 -16.66
CA THR B 223 -7.81 -31.58 -17.07
C THR B 223 -7.06 -30.92 -18.25
N ALA B 224 -7.80 -30.39 -19.24
CA ALA B 224 -7.21 -29.73 -20.40
C ALA B 224 -6.48 -28.45 -19.99
N LEU B 225 -7.10 -27.61 -19.13
CA LEU B 225 -6.46 -26.39 -18.62
C LEU B 225 -5.20 -26.72 -17.79
N LYS B 226 -5.24 -27.80 -16.97
CA LYS B 226 -4.07 -28.25 -16.21
C LYS B 226 -2.97 -28.70 -17.19
N ALA B 227 -3.34 -29.47 -18.23
CA ALA B 227 -2.37 -29.93 -19.26
C ALA B 227 -1.71 -28.74 -19.97
N ASP B 228 -2.47 -27.68 -20.32
CA ASP B 228 -1.91 -26.49 -20.97
C ASP B 228 -0.95 -25.74 -20.04
N PHE B 229 -1.37 -25.48 -18.77
CA PHE B 229 -0.51 -24.81 -17.79
C PHE B 229 0.75 -25.61 -17.53
N ASP B 230 0.64 -26.95 -17.42
CA ASP B 230 1.79 -27.84 -17.17
C ASP B 230 2.84 -27.76 -18.27
N ALA B 231 2.41 -27.79 -19.54
CA ALA B 231 3.31 -27.67 -20.71
C ALA B 231 3.98 -26.28 -20.73
N ALA B 232 3.20 -25.20 -20.48
CA ALA B 232 3.70 -23.82 -20.44
C ALA B 232 4.74 -23.58 -19.33
N ILE B 233 4.51 -24.13 -18.12
CA ILE B 233 5.44 -23.98 -16.97
C ILE B 233 6.76 -24.73 -17.26
N LYS B 234 6.65 -25.94 -17.82
CA LYS B 234 7.78 -26.79 -18.21
C LYS B 234 8.65 -26.04 -19.23
N ALA B 235 7.99 -25.50 -20.29
CA ALA B 235 8.63 -24.73 -21.36
C ALA B 235 9.27 -23.44 -20.82
N ALA B 236 8.56 -22.70 -19.91
CA ALA B 236 9.05 -21.46 -19.31
C ALA B 236 10.21 -21.70 -18.32
N SER B 237 10.24 -22.89 -17.67
CA SER B 237 11.35 -23.24 -16.77
C SER B 237 12.60 -23.57 -17.61
N GLU B 238 12.38 -24.26 -18.76
CA GLU B 238 13.38 -24.72 -19.70
C GLU B 238 14.15 -23.62 -20.46
N ASP B 239 13.53 -22.43 -20.66
CA ASP B 239 14.18 -21.35 -21.41
C ASP B 239 14.61 -20.16 -20.51
N GLY B 240 14.59 -20.36 -19.21
CA GLY B 240 15.03 -19.37 -18.23
C GLY B 240 14.06 -18.22 -17.93
N THR B 241 12.85 -18.27 -18.51
CA THR B 241 11.78 -17.28 -18.35
C THR B 241 11.40 -17.05 -16.87
N ILE B 242 11.10 -18.13 -16.13
CA ILE B 242 10.68 -18.02 -14.73
C ILE B 242 11.82 -17.49 -13.87
N LYS B 243 13.03 -18.05 -14.03
CA LYS B 243 14.22 -17.61 -13.30
C LYS B 243 14.45 -16.10 -13.51
N THR B 244 14.38 -15.63 -14.78
CA THR B 244 14.52 -14.21 -15.15
C THR B 244 13.51 -13.34 -14.42
N LEU B 245 12.22 -13.73 -14.45
CA LEU B 245 11.15 -13.00 -13.78
C LEU B 245 11.33 -13.00 -12.27
N SER B 246 11.74 -14.14 -11.70
CA SER B 246 12.01 -14.24 -10.27
C SER B 246 13.12 -13.23 -9.89
N LEU B 247 14.26 -13.22 -10.62
CA LEU B 247 15.38 -12.31 -10.35
C LEU B 247 14.97 -10.84 -10.51
N LYS B 248 14.13 -10.56 -11.50
CA LYS B 248 13.59 -9.23 -11.78
C LYS B 248 12.77 -8.69 -10.56
N TRP B 249 11.89 -9.54 -10.00
CA TRP B 249 10.98 -9.15 -8.93
C TRP B 249 11.49 -9.33 -7.51
N PHE B 250 12.11 -10.47 -7.24
CA PHE B 250 12.59 -10.85 -5.92
C PHE B 250 14.09 -10.60 -5.71
N LYS B 251 14.88 -10.43 -6.80
CA LYS B 251 16.35 -10.27 -6.78
C LYS B 251 16.95 -11.58 -6.24
N VAL B 252 16.18 -12.69 -6.29
CA VAL B 252 16.52 -14.04 -5.87
C VAL B 252 15.81 -15.03 -6.78
N ASP B 253 16.16 -16.32 -6.68
CA ASP B 253 15.52 -17.38 -7.44
C ASP B 253 14.58 -18.21 -6.51
N VAL B 254 13.25 -18.00 -6.63
CA VAL B 254 12.20 -18.70 -5.85
C VAL B 254 11.75 -20.03 -6.49
N THR B 255 12.28 -20.36 -7.69
CA THR B 255 11.97 -21.60 -8.43
C THR B 255 12.24 -22.84 -7.55
N PRO B 256 11.39 -23.92 -7.58
CA PRO B 256 11.69 -25.10 -6.77
C PRO B 256 12.80 -26.00 -7.33
#